data_5YC5
#
_entry.id   5YC5
#
_cell.length_a   72.790
_cell.length_b   101.420
_cell.length_c   122.600
_cell.angle_alpha   90.00
_cell.angle_beta   90.00
_cell.angle_gamma   90.00
#
_symmetry.space_group_name_H-M   'P 21 21 21'
#
loop_
_entity.id
_entity.type
_entity.pdbx_description
1 polymer 'Immunoglobulin gamma-1 heavy chain'
2 polymer 'Low affinity immunoglobulin gamma Fc region receptor III-A'
3 branched beta-D-galactopyranose-(1-4)-2-acetamido-2-deoxy-beta-D-glucopyranose-(1-2)-alpha-D-mannopyranose-(1-6)-[2-acetamido-2-deoxy-beta-D-glucopyranose-(1-2)-alpha-D-mannopyranose-(1-3)]beta-D-mannopyranose-(1-4)-2-acetamido-2-deoxy-beta-D-glucopyranose-(1-4)-[alpha-L-fucopyranose-(1-6)]2-acetamido-2-deoxy-beta-D-glucopyranose
4 branched 2-acetamido-2-deoxy-beta-D-glucopyranose-(1-2)-alpha-D-mannopyranose-(1-3)-[2-acetamido-2-deoxy-beta-D-glucopyranose-(1-2)-alpha-D-mannopyranose-(1-6)]beta-D-mannopyranose-(1-4)-2-acetamido-2-deoxy-beta-D-glucopyranose-(1-4)-[alpha-L-fucopyranose-(1-6)]2-acetamido-2-deoxy-beta-D-glucopyranose
5 non-polymer 'CHLORIDE ION'
6 water water
#
loop_
_entity_poly.entity_id
_entity_poly.type
_entity_poly.pdbx_seq_one_letter_code
_entity_poly.pdbx_strand_id
1 'polypeptide(L)'
;HTCPPCPAPELLGGPSVFLFPPKPKDTLMISRTPEVTCVVVDVSHEDPEVKFNWYVDGVEVHNAKTKPREEQYNSTYRVV
SVLTVLHQDWLNGKEYKCKVSNKALPAPIEKTISKAKGQPREPQVYTLPPSRDELTKNQVSLTCLVKGFYPSDIAVEWES
NGQPENNYKTTPPVLDSDGSFFLYSKLTVDKSRWQQGNVFSCSVMHEALHNHYTQKSLSLSPG
;
A,B
2 'polypeptide(L)'
;RTEDLPKAEVILEPQWNRVLEKDSVTLKCRGAYSPEDNSTQWFHNESLISSQASSYLIDAATVDDSGEYRCQTSLSTLSD
PVQLEVHIGWLLLQAPRWEFKEGDPIHLRCHSWKNTALHKVTYLQNGKGRKYFHHNSDFYIPKATLKDSGSYSCRGLVGS
KNVSSETVNITITQGGHHHHHH
;
C
#
# COMPACT_ATOMS: atom_id res chain seq x y z
N LEU A 11 -0.15 16.58 11.04
CA LEU A 11 -1.25 15.58 11.26
C LEU A 11 -2.70 16.11 10.95
N LEU A 12 -2.90 17.43 10.75
CA LEU A 12 -4.25 17.97 10.44
C LEU A 12 -4.37 18.96 9.24
N GLY A 13 -3.41 18.91 8.29
CA GLY A 13 -3.63 19.37 6.91
C GLY A 13 -2.76 20.52 6.50
N GLY A 14 -1.97 20.35 5.45
CA GLY A 14 -1.02 21.36 4.98
C GLY A 14 -0.04 20.63 4.09
N PRO A 15 1.03 21.30 3.58
CA PRO A 15 1.98 20.52 2.79
C PRO A 15 2.68 19.43 3.60
N SER A 16 3.45 18.62 2.85
CA SER A 16 4.05 17.38 3.34
C SER A 16 5.40 17.18 2.69
N VAL A 17 6.33 16.69 3.51
CA VAL A 17 7.76 16.64 3.17
C VAL A 17 8.32 15.23 3.08
N PHE A 18 9.06 14.98 2.02
CA PHE A 18 9.77 13.70 1.87
C PHE A 18 11.24 13.99 1.64
N LEU A 19 12.08 13.24 2.34
CA LEU A 19 13.55 13.39 2.29
C LEU A 19 14.24 12.11 1.92
N PHE A 20 15.01 12.20 0.83
CA PHE A 20 15.57 11.03 0.18
C PHE A 20 17.13 10.95 0.18
N PRO A 21 17.67 9.75 0.52
CA PRO A 21 19.10 9.57 0.61
C PRO A 21 19.69 9.49 -0.78
N PRO A 22 21.01 9.64 -0.86
CA PRO A 22 21.67 9.51 -2.14
C PRO A 22 21.68 8.05 -2.56
N LYS A 23 21.95 7.73 -3.81
CA LYS A 23 22.05 6.33 -4.18
C LYS A 23 23.37 5.78 -3.65
N PRO A 24 23.33 4.55 -3.11
CA PRO A 24 24.54 3.90 -2.62
C PRO A 24 25.71 3.97 -3.59
N LYS A 25 25.44 3.80 -4.88
CA LYS A 25 26.54 3.94 -5.85
C LYS A 25 27.16 5.32 -5.92
N ASP A 26 26.33 6.34 -5.86
CA ASP A 26 26.86 7.69 -5.94
C ASP A 26 27.78 8.00 -4.75
N THR A 27 27.55 7.36 -3.61
CA THR A 27 28.38 7.62 -2.43
C THR A 27 29.71 6.88 -2.40
N LEU A 28 29.72 5.73 -3.06
CA LEU A 28 30.84 4.81 -3.10
C LEU A 28 31.87 5.04 -4.21
N MET A 29 31.47 5.70 -5.29
CA MET A 29 32.29 5.86 -6.48
C MET A 29 32.61 7.29 -6.67
N ILE A 30 33.89 7.55 -6.77
CA ILE A 30 34.33 8.91 -6.73
C ILE A 30 34.00 9.66 -8.02
N SER A 31 33.73 8.95 -9.11
CA SER A 31 33.30 9.57 -10.38
C SER A 31 31.90 10.14 -10.35
N ARG A 32 31.09 9.67 -9.41
CA ARG A 32 29.75 10.15 -9.23
C ARG A 32 29.59 11.16 -8.08
N THR A 33 28.42 11.81 -8.10
CA THR A 33 28.06 12.84 -7.17
C THR A 33 26.77 12.54 -6.39
N PRO A 34 26.89 12.12 -5.13
CA PRO A 34 25.71 11.88 -4.35
C PRO A 34 25.02 13.18 -3.94
N GLU A 35 23.71 13.05 -3.71
CA GLU A 35 22.82 14.16 -3.38
C GLU A 35 21.73 13.70 -2.45
N VAL A 36 21.33 14.59 -1.58
CA VAL A 36 20.09 14.39 -0.83
C VAL A 36 19.04 15.26 -1.50
N THR A 37 17.79 14.78 -1.44
CA THR A 37 16.71 15.41 -2.17
C THR A 37 15.50 15.60 -1.25
N CYS A 38 15.07 16.86 -1.09
CA CYS A 38 13.97 17.19 -0.20
C CYS A 38 12.78 17.59 -1.03
N VAL A 39 11.71 16.78 -0.94
CA VAL A 39 10.52 16.90 -1.83
C VAL A 39 9.35 17.36 -0.99
N VAL A 40 8.78 18.50 -1.39
CA VAL A 40 7.57 19.04 -0.80
C VAL A 40 6.42 19.01 -1.81
N VAL A 41 5.31 18.41 -1.38
CA VAL A 41 4.10 18.17 -2.17
C VAL A 41 2.92 18.80 -1.44
N ASP A 42 1.76 18.79 -2.09
CA ASP A 42 0.51 19.26 -1.47
C ASP A 42 0.64 20.70 -1.03
N VAL A 43 1.06 21.53 -1.98
CA VAL A 43 1.27 22.94 -1.78
C VAL A 43 0.17 23.69 -2.53
N SER A 44 -0.63 24.48 -1.78
CA SER A 44 -1.77 25.22 -2.35
C SER A 44 -1.35 26.22 -3.42
N HIS A 45 -2.28 26.65 -4.26
CA HIS A 45 -2.03 27.77 -5.17
C HIS A 45 -2.15 29.04 -4.39
N GLU A 46 -3.04 29.03 -3.39
CA GLU A 46 -3.24 30.22 -2.55
C GLU A 46 -2.05 30.52 -1.59
N ASP A 47 -1.37 29.52 -1.05
CA ASP A 47 -0.08 29.79 -0.31
C ASP A 47 1.06 29.03 -0.96
N PRO A 48 1.80 29.67 -1.90
CA PRO A 48 2.66 28.89 -2.82
C PRO A 48 4.22 29.03 -2.68
N GLU A 49 4.65 29.92 -1.79
CA GLU A 49 6.08 30.22 -1.61
C GLU A 49 6.59 29.25 -0.51
N VAL A 50 7.71 28.57 -0.80
CA VAL A 50 8.28 27.54 0.07
C VAL A 50 9.78 27.77 0.28
N LYS A 51 10.16 27.94 1.55
CA LYS A 51 11.51 28.24 2.01
C LYS A 51 12.04 26.94 2.66
N PHE A 52 13.24 26.53 2.24
CA PHE A 52 14.02 25.40 2.85
C PHE A 52 15.25 25.88 3.60
N ASN A 53 15.48 25.40 4.82
CA ASN A 53 16.79 25.62 5.48
C ASN A 53 17.44 24.25 5.59
N TRP A 54 18.74 24.14 5.30
CA TRP A 54 19.46 22.85 5.32
C TRP A 54 20.56 22.73 6.40
N TYR A 55 20.61 21.59 7.11
CA TYR A 55 21.57 21.39 8.23
C TYR A 55 22.37 20.03 8.17
N VAL A 56 23.72 20.14 8.15
CA VAL A 56 24.66 19.01 8.26
C VAL A 56 25.26 18.92 9.68
N ASP A 57 24.91 17.85 10.39
CA ASP A 57 25.30 17.63 11.78
C ASP A 57 25.07 18.88 12.63
N GLY A 58 23.86 19.42 12.51
CA GLY A 58 23.51 20.68 13.15
C GLY A 58 23.89 21.98 12.44
N VAL A 59 24.68 21.95 11.38
CA VAL A 59 25.32 23.16 10.85
C VAL A 59 24.63 23.61 9.58
N GLU A 60 24.04 24.81 9.57
CA GLU A 60 23.33 25.28 8.39
C GLU A 60 24.32 25.41 7.26
N VAL A 61 23.84 25.10 6.04
CA VAL A 61 24.62 25.17 4.79
C VAL A 61 23.81 25.83 3.68
N HIS A 62 24.45 26.40 2.67
CA HIS A 62 23.77 27.30 1.74
C HIS A 62 23.96 26.99 0.25
N ASN A 63 24.35 25.75 -0.07
CA ASN A 63 24.71 25.39 -1.47
C ASN A 63 23.62 24.53 -2.17
N ALA A 64 22.49 24.35 -1.49
CA ALA A 64 21.37 23.61 -2.08
C ALA A 64 20.84 24.29 -3.34
N LYS A 65 20.42 23.47 -4.30
CA LYS A 65 19.85 23.94 -5.55
C LYS A 65 18.39 23.49 -5.57
N THR A 66 17.51 24.46 -5.67
CA THR A 66 16.12 24.30 -5.34
C THR A 66 15.33 24.71 -6.56
N LYS A 67 14.56 23.81 -7.16
CA LYS A 67 13.96 24.16 -8.45
C LYS A 67 12.70 25.00 -8.21
N PRO A 68 12.30 25.77 -9.24
CA PRO A 68 11.00 26.40 -9.11
C PRO A 68 9.86 25.35 -9.18
N ARG A 69 8.79 25.66 -8.49
CA ARG A 69 7.62 24.79 -8.37
C ARG A 69 6.87 24.39 -9.66
N GLU A 70 6.50 23.11 -9.75
CA GLU A 70 5.78 22.53 -10.90
C GLU A 70 4.42 22.03 -10.43
N GLU A 71 3.35 22.40 -11.15
CA GLU A 71 1.98 21.93 -10.84
C GLU A 71 1.82 20.51 -11.34
N GLN A 72 1.16 19.65 -10.56
CA GLN A 72 0.88 18.24 -10.94
C GLN A 72 -0.51 18.04 -11.59
N TYR A 73 -0.75 16.84 -12.16
CA TYR A 73 -2.08 16.46 -12.68
C TYR A 73 -3.20 16.81 -11.67
N ASN A 74 -2.93 16.58 -10.37
CA ASN A 74 -3.92 16.78 -9.28
C ASN A 74 -4.15 18.24 -8.77
N SER A 75 -3.53 19.18 -9.49
CA SER A 75 -3.63 20.63 -9.29
C SER A 75 -2.78 21.14 -8.13
N THR A 76 -2.20 20.28 -7.29
CA THR A 76 -1.26 20.72 -6.26
C THR A 76 0.07 21.12 -6.87
N TYR A 77 0.82 21.92 -6.12
CA TYR A 77 2.22 22.26 -6.45
C TYR A 77 3.20 21.33 -5.72
N ARG A 78 4.27 21.04 -6.44
CA ARG A 78 5.38 20.26 -5.89
C ARG A 78 6.68 21.10 -5.99
N VAL A 79 7.58 20.94 -5.03
CA VAL A 79 8.87 21.62 -5.12
C VAL A 79 10.01 20.81 -4.54
N VAL A 80 11.14 20.84 -5.24
CA VAL A 80 12.28 19.98 -4.88
C VAL A 80 13.49 20.80 -4.52
N SER A 81 14.10 20.47 -3.39
CA SER A 81 15.44 20.98 -3.13
C SER A 81 16.48 19.85 -3.13
N VAL A 82 17.59 20.09 -3.84
CA VAL A 82 18.73 19.14 -3.93
C VAL A 82 19.98 19.68 -3.26
N LEU A 83 20.53 18.90 -2.32
CA LEU A 83 21.83 19.17 -1.70
C LEU A 83 22.89 18.13 -2.13
N THR A 84 24.00 18.60 -2.71
CA THR A 84 25.16 17.75 -3.01
C THR A 84 25.89 17.44 -1.74
N VAL A 85 26.32 16.19 -1.64
CA VAL A 85 26.93 15.69 -0.43
C VAL A 85 28.38 15.39 -0.72
N LEU A 86 29.22 15.49 0.29
CA LEU A 86 30.56 14.90 0.18
C LEU A 86 30.49 13.41 0.43
N HIS A 87 31.19 12.65 -0.42
CA HIS A 87 31.17 11.20 -0.31
C HIS A 87 31.52 10.80 1.11
N GLN A 88 32.52 11.44 1.70
CA GLN A 88 33.00 11.06 3.05
C GLN A 88 32.07 11.43 4.18
N ASP A 89 31.41 12.58 4.04
CA ASP A 89 30.37 13.01 4.97
C ASP A 89 29.26 11.95 5.03
N TRP A 90 28.77 11.48 3.86
CA TRP A 90 27.76 10.46 3.89
C TRP A 90 28.31 9.27 4.64
N LEU A 91 29.43 8.74 4.17
CA LEU A 91 29.98 7.46 4.68
C LEU A 91 30.38 7.51 6.14
N ASN A 92 30.85 8.66 6.60
CA ASN A 92 31.10 8.85 8.01
C ASN A 92 29.84 8.97 8.89
N GLY A 93 28.66 8.86 8.31
CA GLY A 93 27.42 8.96 9.11
C GLY A 93 26.97 10.35 9.53
N LYS A 94 27.28 11.38 8.78
CA LYS A 94 26.72 12.67 9.10
C LYS A 94 25.24 12.71 8.86
N GLU A 95 24.55 13.56 9.62
CA GLU A 95 23.09 13.74 9.50
C GLU A 95 22.70 14.96 8.66
N TYR A 96 21.66 14.77 7.86
CA TYR A 96 21.16 15.77 6.90
C TYR A 96 19.69 16.14 7.31
N LYS A 97 19.42 17.42 7.50
CA LYS A 97 18.17 17.88 8.05
C LYS A 97 17.64 18.90 7.05
N CYS A 98 16.40 18.71 6.64
CA CYS A 98 15.67 19.61 5.77
C CYS A 98 14.52 20.16 6.63
N LYS A 99 14.49 21.50 6.80
CA LYS A 99 13.47 22.25 7.54
C LYS A 99 12.71 22.95 6.43
N VAL A 100 11.40 22.69 6.39
CA VAL A 100 10.47 23.28 5.42
C VAL A 100 9.52 24.23 6.12
N SER A 101 9.29 25.40 5.48
CA SER A 101 8.42 26.47 6.02
C SER A 101 7.46 27.08 4.95
N ASN A 102 6.30 27.53 5.42
CA ASN A 102 5.16 27.90 4.54
C ASN A 102 4.10 28.66 5.34
N LYS A 103 3.48 29.67 4.72
CA LYS A 103 2.33 30.36 5.36
C LYS A 103 1.36 29.34 5.96
N ALA A 104 1.08 28.26 5.24
CA ALA A 104 0.15 27.22 5.70
C ALA A 104 0.65 26.27 6.78
N LEU A 105 1.83 26.49 7.38
CA LEU A 105 2.37 25.53 8.36
C LEU A 105 2.48 26.12 9.78
N PRO A 106 1.74 25.51 10.77
CA PRO A 106 1.76 25.94 12.17
C PRO A 106 3.18 26.13 12.69
N ALA A 107 4.06 25.17 12.42
CA ALA A 107 5.51 25.30 12.66
C ALA A 107 6.25 24.75 11.47
N PRO A 108 7.56 25.04 11.36
CA PRO A 108 8.26 24.36 10.25
C PRO A 108 8.26 22.82 10.42
N ILE A 109 8.35 22.08 9.31
CA ILE A 109 8.54 20.62 9.36
C ILE A 109 9.98 20.33 9.02
N GLU A 110 10.60 19.56 9.90
CA GLU A 110 11.98 19.09 9.78
C GLU A 110 12.02 17.58 9.54
N LYS A 111 12.88 17.11 8.67
CA LYS A 111 13.08 15.67 8.53
C LYS A 111 14.57 15.41 8.51
N THR A 112 15.02 14.30 9.08
CA THR A 112 16.46 13.96 9.09
C THR A 112 16.87 12.58 8.50
N ILE A 113 17.90 12.53 7.64
CA ILE A 113 18.57 11.25 7.28
C ILE A 113 20.11 11.15 7.41
N SER A 114 20.56 9.91 7.54
CA SER A 114 21.94 9.55 7.74
C SER A 114 22.18 8.14 7.22
N LYS A 115 23.40 7.81 6.83
CA LYS A 115 23.72 6.39 6.64
C LYS A 115 23.24 5.63 7.91
N ALA A 116 23.03 4.34 7.79
CA ALA A 116 22.66 3.50 8.92
C ALA A 116 23.87 3.24 9.81
N LYS A 117 23.63 3.05 11.11
CA LYS A 117 24.71 3.09 12.10
C LYS A 117 25.15 1.70 12.38
N GLY A 118 26.43 1.53 12.60
CA GLY A 118 26.95 0.24 13.01
C GLY A 118 28.25 -0.09 12.34
N GLN A 119 29.04 -0.88 13.06
CA GLN A 119 30.25 -1.48 12.55
C GLN A 119 30.03 -2.08 11.14
N PRO A 120 30.64 -1.44 10.10
CA PRO A 120 30.60 -1.95 8.73
C PRO A 120 31.35 -3.27 8.59
N ARG A 121 30.76 -4.21 7.87
CA ARG A 121 31.44 -5.46 7.60
C ARG A 121 31.62 -5.69 6.13
N GLU A 122 32.77 -6.21 5.77
CA GLU A 122 33.12 -6.48 4.39
C GLU A 122 32.30 -7.65 3.88
N PRO A 123 31.69 -7.52 2.70
CA PRO A 123 31.11 -8.66 2.01
C PRO A 123 32.13 -9.69 1.51
N GLN A 124 31.78 -10.97 1.60
CA GLN A 124 32.45 -12.09 0.94
C GLN A 124 31.66 -12.41 -0.35
N VAL A 125 32.32 -12.52 -1.47
CA VAL A 125 31.65 -12.68 -2.76
C VAL A 125 32.05 -14.00 -3.36
N TYR A 126 31.08 -14.86 -3.62
CA TYR A 126 31.32 -16.22 -4.15
C TYR A 126 30.45 -16.53 -5.38
N THR A 127 31.05 -16.74 -6.52
CA THR A 127 30.25 -17.20 -7.64
C THR A 127 30.17 -18.69 -7.55
N LEU A 128 28.99 -19.19 -7.95
CA LEU A 128 28.60 -20.59 -7.91
C LEU A 128 28.00 -21.00 -9.27
N PRO A 129 28.54 -22.06 -9.92
CA PRO A 129 28.06 -22.44 -11.24
C PRO A 129 26.70 -23.18 -11.23
N PRO A 130 26.07 -23.30 -12.40
CA PRO A 130 24.78 -23.99 -12.52
C PRO A 130 24.82 -25.36 -11.93
N SER A 131 23.70 -25.87 -11.44
CA SER A 131 23.67 -27.22 -10.94
C SER A 131 23.79 -28.20 -12.09
N ARG A 132 24.23 -29.42 -11.76
CA ARG A 132 24.28 -30.48 -12.75
C ARG A 132 22.96 -30.60 -13.48
N ASP A 133 21.85 -30.75 -12.77
CA ASP A 133 20.56 -30.99 -13.41
C ASP A 133 20.12 -29.87 -14.33
N GLU A 134 20.55 -28.65 -14.10
CA GLU A 134 19.99 -27.56 -14.89
C GLU A 134 20.43 -27.68 -16.35
N LEU A 135 21.53 -28.39 -16.64
CA LEU A 135 22.09 -28.44 -18.02
C LEU A 135 21.19 -29.22 -18.99
N THR A 136 20.14 -29.86 -18.49
CA THR A 136 18.98 -30.27 -19.31
C THR A 136 18.41 -29.10 -20.07
N LYS A 137 18.25 -27.97 -19.40
CA LYS A 137 17.42 -26.87 -19.94
C LYS A 137 18.25 -26.10 -20.96
N ASN A 138 17.56 -25.34 -21.81
CA ASN A 138 18.18 -24.50 -22.84
C ASN A 138 18.68 -23.19 -22.26
N GLN A 139 18.43 -22.97 -20.97
CA GLN A 139 18.97 -21.85 -20.22
C GLN A 139 19.38 -22.21 -18.82
N VAL A 140 20.46 -21.61 -18.32
CA VAL A 140 21.04 -21.97 -17.04
C VAL A 140 21.26 -20.75 -16.11
N SER A 141 21.43 -21.04 -14.83
CA SER A 141 21.56 -20.03 -13.79
C SER A 141 23.03 -19.95 -13.25
N LEU A 142 23.69 -18.83 -13.52
CA LEU A 142 24.94 -18.51 -12.84
C LEU A 142 24.60 -17.72 -11.59
N THR A 143 24.96 -18.21 -10.41
CA THR A 143 24.66 -17.53 -9.13
C THR A 143 25.84 -16.71 -8.52
N CYS A 144 25.52 -15.65 -7.79
CA CYS A 144 26.55 -14.85 -7.11
C CYS A 144 26.10 -14.60 -5.69
N LEU A 145 26.71 -15.27 -4.73
CA LEU A 145 26.31 -15.16 -3.34
C LEU A 145 27.17 -14.10 -2.74
N VAL A 146 26.55 -13.19 -1.97
CA VAL A 146 27.27 -12.09 -1.29
C VAL A 146 26.82 -12.08 0.15
N LYS A 147 27.72 -12.41 1.09
CA LYS A 147 27.35 -12.54 2.49
C LYS A 147 28.30 -11.82 3.43
N GLY A 148 27.88 -11.68 4.70
CA GLY A 148 28.69 -11.06 5.76
C GLY A 148 28.86 -9.54 5.74
N PHE A 149 27.92 -8.84 5.09
CA PHE A 149 28.08 -7.40 4.84
C PHE A 149 27.14 -6.55 5.67
N TYR A 150 27.70 -5.42 6.10
CA TYR A 150 26.95 -4.43 6.83
C TYR A 150 27.58 -3.09 6.47
N PRO A 151 26.79 -2.03 6.27
CA PRO A 151 25.33 -2.03 6.26
C PRO A 151 24.78 -2.61 4.98
N SER A 152 23.46 -2.72 4.91
CA SER A 152 22.74 -3.38 3.82
C SER A 152 22.95 -2.68 2.45
N ASP A 153 23.57 -1.50 2.42
CA ASP A 153 23.63 -0.70 1.20
C ASP A 153 24.63 -1.34 0.30
N ILE A 154 24.18 -1.67 -0.91
CA ILE A 154 25.02 -2.40 -1.79
C ILE A 154 24.56 -2.31 -3.22
N ALA A 155 25.48 -2.55 -4.13
CA ALA A 155 25.20 -2.60 -5.52
C ALA A 155 25.87 -3.82 -6.13
N VAL A 156 25.12 -4.58 -6.93
CA VAL A 156 25.62 -5.80 -7.53
C VAL A 156 25.26 -5.86 -9.02
N GLU A 157 26.26 -5.92 -9.89
CA GLU A 157 26.03 -6.02 -11.36
C GLU A 157 26.68 -7.30 -11.91
N TRP A 158 26.38 -7.61 -13.17
CA TRP A 158 27.01 -8.68 -13.88
C TRP A 158 27.54 -8.17 -15.18
N GLU A 159 28.60 -8.80 -15.70
CA GLU A 159 29.16 -8.44 -17.00
C GLU A 159 29.95 -9.56 -17.64
N SER A 160 29.94 -9.57 -18.99
CA SER A 160 30.75 -10.49 -19.77
C SER A 160 31.40 -9.80 -20.96
N ASN A 161 32.69 -10.13 -21.18
CA ASN A 161 33.54 -9.61 -22.26
C ASN A 161 33.41 -8.09 -22.48
N GLY A 162 33.25 -7.31 -21.41
CA GLY A 162 33.19 -5.85 -21.53
C GLY A 162 31.80 -5.25 -21.60
N GLN A 163 30.85 -5.98 -22.22
CA GLN A 163 29.44 -5.54 -22.19
C GLN A 163 28.84 -5.93 -20.83
N PRO A 164 27.85 -5.19 -20.35
CA PRO A 164 27.15 -5.61 -19.11
C PRO A 164 26.09 -6.67 -19.42
N GLU A 165 25.75 -7.59 -18.50
CA GLU A 165 24.68 -8.58 -18.71
C GLU A 165 23.35 -8.14 -18.15
N ASN A 166 22.36 -8.23 -19.00
CA ASN A 166 21.02 -7.65 -18.86
C ASN A 166 20.12 -8.50 -17.97
N ASN A 167 20.07 -9.80 -18.29
CA ASN A 167 19.07 -10.69 -17.77
C ASN A 167 19.44 -11.40 -16.43
N TYR A 168 19.47 -10.60 -15.35
CA TYR A 168 19.65 -11.08 -13.98
C TYR A 168 18.65 -10.48 -13.00
N LYS A 169 18.44 -11.13 -11.88
CA LYS A 169 17.59 -10.58 -10.83
C LYS A 169 18.31 -10.78 -9.53
N THR A 170 18.23 -9.84 -8.60
CA THR A 170 19.00 -9.92 -7.35
C THR A 170 18.06 -9.85 -6.20
N THR A 171 18.13 -10.78 -5.25
CA THR A 171 17.23 -10.70 -4.11
C THR A 171 17.43 -9.39 -3.23
N PRO A 172 16.39 -8.99 -2.49
CA PRO A 172 16.64 -8.09 -1.39
C PRO A 172 17.73 -8.64 -0.48
N PRO A 173 18.41 -7.76 0.24
CA PRO A 173 19.19 -8.23 1.35
C PRO A 173 18.30 -8.90 2.35
N VAL A 174 18.88 -9.90 2.97
CA VAL A 174 18.24 -10.65 4.01
C VAL A 174 19.12 -10.52 5.25
N LEU A 175 18.47 -10.29 6.37
CA LEU A 175 19.15 -10.19 7.63
C LEU A 175 19.52 -11.62 7.97
N ASP A 176 20.82 -11.82 8.13
CA ASP A 176 21.40 -13.10 8.50
C ASP A 176 21.50 -13.20 10.02
N SER A 177 21.86 -14.38 10.51
CA SER A 177 21.69 -14.63 11.94
C SER A 177 22.79 -13.99 12.77
N ASP A 178 23.94 -13.71 12.16
CA ASP A 178 24.98 -12.99 12.89
C ASP A 178 24.89 -11.44 12.82
N GLY A 179 23.77 -10.89 12.37
CA GLY A 179 23.65 -9.43 12.24
C GLY A 179 24.19 -8.84 10.93
N SER A 180 24.97 -9.63 10.18
CA SER A 180 25.32 -9.30 8.80
C SER A 180 24.13 -9.50 7.91
N PHE A 181 24.28 -9.04 6.66
CA PHE A 181 23.31 -9.31 5.61
C PHE A 181 23.93 -10.20 4.54
N PHE A 182 23.06 -10.94 3.83
CA PHE A 182 23.47 -11.59 2.57
C PHE A 182 22.44 -11.39 1.47
N LEU A 183 22.89 -11.54 0.23
CA LEU A 183 21.95 -11.71 -0.87
C LEU A 183 22.48 -12.69 -1.93
N TYR A 184 21.62 -13.02 -2.91
CA TYR A 184 21.98 -13.79 -4.13
C TYR A 184 21.58 -12.99 -5.36
N SER A 185 22.32 -13.08 -6.45
CA SER A 185 21.92 -12.55 -7.74
C SER A 185 22.06 -13.67 -8.81
N LYS A 186 20.99 -13.86 -9.56
CA LYS A 186 20.88 -14.95 -10.47
C LYS A 186 20.94 -14.40 -11.86
N LEU A 187 22.07 -14.60 -12.52
CA LEU A 187 22.21 -14.32 -13.93
C LEU A 187 21.78 -15.54 -14.71
N THR A 188 20.90 -15.31 -15.69
CA THR A 188 20.46 -16.35 -16.68
C THR A 188 21.09 -16.20 -18.10
N VAL A 189 21.58 -17.31 -18.64
CA VAL A 189 22.26 -17.26 -19.94
C VAL A 189 21.93 -18.51 -20.76
N ASP A 190 21.87 -18.39 -22.09
CA ASP A 190 21.67 -19.58 -22.91
C ASP A 190 22.71 -20.66 -22.59
N LYS A 191 22.28 -21.89 -22.41
CA LYS A 191 23.19 -23.01 -22.12
C LYS A 191 24.44 -23.03 -23.04
N SER A 192 24.25 -22.71 -24.33
CA SER A 192 25.36 -22.72 -25.34
C SER A 192 26.50 -21.78 -24.94
N ARG A 193 26.13 -20.59 -24.45
CA ARG A 193 27.11 -19.61 -24.02
C ARG A 193 27.93 -20.14 -22.86
N TRP A 194 27.30 -20.89 -21.97
CA TRP A 194 28.01 -21.46 -20.83
C TRP A 194 28.97 -22.59 -21.25
N GLN A 195 28.53 -23.40 -22.21
CA GLN A 195 29.34 -24.52 -22.70
C GLN A 195 30.52 -24.05 -23.50
N GLN A 196 30.37 -22.93 -24.23
CA GLN A 196 31.44 -22.35 -25.09
C GLN A 196 32.66 -21.85 -24.29
N GLY A 197 32.47 -21.66 -22.99
CA GLY A 197 33.55 -21.27 -22.08
C GLY A 197 33.61 -19.77 -21.77
N ASN A 198 32.55 -19.00 -22.09
CA ASN A 198 32.50 -17.55 -21.76
C ASN A 198 32.67 -17.26 -20.27
N VAL A 199 33.17 -16.05 -20.00
CA VAL A 199 33.58 -15.64 -18.66
C VAL A 199 32.71 -14.47 -18.17
N PHE A 200 32.06 -14.73 -17.05
CA PHE A 200 31.08 -13.85 -16.48
C PHE A 200 31.60 -13.38 -15.16
N SER A 201 31.32 -12.12 -14.86
CA SER A 201 31.74 -11.52 -13.61
C SER A 201 30.61 -10.97 -12.73
N CYS A 202 30.63 -11.30 -11.44
CA CYS A 202 29.87 -10.58 -10.45
C CYS A 202 30.62 -9.29 -9.92
N SER A 203 30.22 -8.10 -10.37
CA SER A 203 30.76 -6.84 -9.81
C SER A 203 30.02 -6.51 -8.56
N VAL A 204 30.71 -6.11 -7.49
CA VAL A 204 30.07 -5.71 -6.24
C VAL A 204 30.66 -4.42 -5.64
N MET A 205 29.79 -3.47 -5.35
CA MET A 205 30.18 -2.25 -4.66
C MET A 205 29.61 -2.14 -3.23
N HIS A 206 30.48 -1.84 -2.27
CA HIS A 206 30.12 -1.73 -0.85
C HIS A 206 31.20 -0.95 -0.07
N GLU A 207 30.80 -0.08 0.85
CA GLU A 207 31.75 0.76 1.55
C GLU A 207 32.89 0.00 2.25
N ALA A 208 32.58 -1.17 2.81
CA ALA A 208 33.58 -1.95 3.54
C ALA A 208 34.49 -2.82 2.67
N LEU A 209 34.50 -2.65 1.37
CA LEU A 209 35.40 -3.38 0.48
C LEU A 209 36.56 -2.45 0.15
N HIS A 210 37.72 -3.00 -0.22
CA HIS A 210 38.83 -2.15 -0.60
C HIS A 210 38.53 -1.42 -1.90
N ASN A 211 38.88 -0.15 -2.00
CA ASN A 211 38.37 0.74 -3.05
C ASN A 211 36.84 0.62 -3.42
N HIS A 212 36.05 0.18 -2.45
CA HIS A 212 34.61 0.04 -2.54
C HIS A 212 34.13 -0.89 -3.64
N TYR A 213 34.95 -1.91 -3.95
CA TYR A 213 34.74 -2.72 -5.16
C TYR A 213 35.52 -4.01 -5.19
N THR A 214 34.89 -5.04 -5.73
CA THR A 214 35.48 -6.33 -5.89
C THR A 214 34.70 -7.06 -7.00
N GLN A 215 35.39 -8.00 -7.67
CA GLN A 215 34.72 -8.94 -8.55
C GLN A 215 35.27 -10.34 -8.51
N LYS A 216 34.36 -11.31 -8.49
CA LYS A 216 34.71 -12.70 -8.67
C LYS A 216 34.20 -13.08 -10.04
N SER A 217 34.95 -13.93 -10.74
CA SER A 217 34.56 -14.46 -12.06
C SER A 217 34.14 -15.93 -12.07
N LEU A 218 33.55 -16.34 -13.19
CA LEU A 218 32.91 -17.62 -13.31
C LEU A 218 32.87 -18.06 -14.76
N SER A 219 33.38 -19.26 -15.01
CA SER A 219 33.25 -19.90 -16.34
C SER A 219 33.33 -21.44 -16.22
N LEU A 220 33.08 -22.16 -17.32
CA LEU A 220 33.12 -23.63 -17.27
C LEU A 220 34.51 -24.18 -16.89
N SER A 221 34.61 -25.44 -16.47
CA SER A 221 35.95 -26.15 -16.37
C SER A 221 36.28 -26.99 -17.63
N PRO B 9 -5.96 9.21 21.80
CA PRO B 9 -6.39 8.38 20.63
C PRO B 9 -7.59 8.98 19.87
N GLU B 10 -7.38 9.78 18.81
CA GLU B 10 -8.50 10.59 18.20
C GLU B 10 -9.50 9.85 17.27
N LEU B 11 -8.96 9.13 16.28
CA LEU B 11 -9.70 8.11 15.51
C LEU B 11 -10.80 8.67 14.65
N LEU B 12 -10.52 9.75 13.93
CA LEU B 12 -11.55 10.42 13.12
C LEU B 12 -12.17 9.50 12.07
N GLY B 13 -11.35 8.67 11.43
CA GLY B 13 -11.82 7.74 10.42
C GLY B 13 -12.29 6.37 10.87
N GLY B 14 -12.50 6.17 12.16
CA GLY B 14 -12.95 4.88 12.64
C GLY B 14 -11.95 3.74 12.37
N PRO B 15 -12.37 2.48 12.68
CA PRO B 15 -11.55 1.28 12.47
C PRO B 15 -10.93 1.12 11.08
N SER B 16 -9.96 0.22 10.99
CA SER B 16 -9.41 -0.23 9.70
C SER B 16 -9.28 -1.72 9.73
N VAL B 17 -9.43 -2.33 8.55
CA VAL B 17 -9.41 -3.77 8.43
C VAL B 17 -8.27 -4.24 7.57
N PHE B 18 -7.59 -5.24 8.11
CA PHE B 18 -6.58 -5.96 7.37
C PHE B 18 -6.91 -7.45 7.36
N LEU B 19 -6.80 -8.04 6.16
CA LEU B 19 -7.15 -9.44 5.90
C LEU B 19 -5.97 -10.30 5.45
N PHE B 20 -5.74 -11.41 6.16
CA PHE B 20 -4.53 -12.23 5.89
C PHE B 20 -4.71 -13.64 5.32
N PRO B 21 -3.77 -14.07 4.46
CA PRO B 21 -3.84 -15.44 3.90
C PRO B 21 -3.40 -16.52 4.87
N PRO B 22 -3.73 -17.78 4.61
CA PRO B 22 -3.19 -18.83 5.46
C PRO B 22 -1.71 -18.98 5.21
N LYS B 23 -1.01 -19.71 6.05
CA LYS B 23 0.45 -19.86 5.82
C LYS B 23 0.59 -20.87 4.66
N PRO B 24 1.51 -20.62 3.72
CA PRO B 24 1.69 -21.47 2.52
C PRO B 24 1.62 -22.95 2.82
N LYS B 25 2.25 -23.29 3.93
CA LYS B 25 2.39 -24.66 4.35
C LYS B 25 1.13 -25.32 4.82
N ASP B 26 0.31 -24.60 5.58
CA ASP B 26 -1.00 -25.10 6.01
C ASP B 26 -1.94 -25.45 4.85
N THR B 27 -1.82 -24.76 3.72
CA THR B 27 -2.67 -25.03 2.54
C THR B 27 -2.27 -26.33 1.82
N LEU B 28 -0.98 -26.70 1.96
CA LEU B 28 -0.33 -27.75 1.19
C LEU B 28 -0.31 -29.11 1.83
N MET B 29 -0.57 -29.23 3.12
CA MET B 29 -0.58 -30.51 3.79
C MET B 29 -1.85 -30.73 4.57
N ILE B 30 -2.52 -31.84 4.30
CA ILE B 30 -3.76 -32.13 4.94
C ILE B 30 -3.71 -32.20 6.44
N SER B 31 -2.64 -32.73 6.98
CA SER B 31 -2.35 -32.69 8.40
C SER B 31 -2.63 -31.32 9.08
N ARG B 32 -2.43 -30.23 8.36
CA ARG B 32 -2.49 -28.89 8.91
C ARG B 32 -3.77 -28.15 8.56
N THR B 33 -4.09 -27.12 9.37
CA THR B 33 -5.36 -26.35 9.30
C THR B 33 -5.12 -24.92 8.78
N PRO B 34 -5.40 -24.66 7.49
CA PRO B 34 -5.25 -23.31 6.96
C PRO B 34 -6.37 -22.37 7.36
N GLU B 35 -5.99 -21.17 7.76
CA GLU B 35 -6.90 -20.15 8.25
C GLU B 35 -6.74 -18.84 7.53
N VAL B 36 -7.87 -18.22 7.25
CA VAL B 36 -7.90 -16.78 6.88
C VAL B 36 -8.17 -15.91 8.11
N THR B 37 -7.56 -14.74 8.16
CA THR B 37 -7.55 -13.94 9.38
C THR B 37 -7.89 -12.47 9.14
N CYS B 38 -8.97 -12.03 9.80
CA CYS B 38 -9.49 -10.68 9.69
C CYS B 38 -9.15 -9.91 10.94
N VAL B 39 -8.38 -8.85 10.79
CA VAL B 39 -7.94 -8.06 11.93
C VAL B 39 -8.49 -6.63 11.83
N VAL B 40 -9.27 -6.24 12.82
CA VAL B 40 -9.80 -4.87 12.91
C VAL B 40 -8.96 -4.15 13.95
N VAL B 41 -8.36 -3.05 13.51
CA VAL B 41 -7.65 -2.13 14.41
C VAL B 41 -8.49 -0.88 14.61
N ASP B 42 -7.99 0.01 15.49
CA ASP B 42 -8.55 1.33 15.80
C ASP B 42 -10.00 1.28 16.22
N VAL B 43 -10.39 0.31 17.02
CA VAL B 43 -11.73 0.26 17.52
C VAL B 43 -11.68 1.15 18.74
N SER B 44 -12.53 2.16 18.81
CA SER B 44 -12.58 3.02 19.97
C SER B 44 -13.20 2.35 21.22
N HIS B 45 -12.81 2.83 22.40
CA HIS B 45 -13.43 2.40 23.66
C HIS B 45 -14.86 2.83 23.70
N GLU B 46 -15.18 3.96 23.09
CA GLU B 46 -16.56 4.48 23.13
C GLU B 46 -17.53 3.56 22.36
N ASP B 47 -17.15 3.09 21.15
CA ASP B 47 -17.97 2.19 20.34
C ASP B 47 -17.19 0.91 20.07
N PRO B 48 -17.07 0.07 21.13
CA PRO B 48 -16.22 -1.12 21.01
C PRO B 48 -16.78 -2.28 20.16
N GLU B 49 -18.11 -2.35 20.01
CA GLU B 49 -18.78 -3.50 19.41
C GLU B 49 -18.37 -3.64 17.98
N VAL B 50 -18.00 -4.87 17.61
CA VAL B 50 -17.66 -5.22 16.24
C VAL B 50 -18.36 -6.52 15.89
N LYS B 51 -18.86 -6.56 14.66
CA LYS B 51 -19.58 -7.69 14.12
C LYS B 51 -18.97 -8.08 12.78
N PHE B 52 -18.63 -9.37 12.70
CA PHE B 52 -18.17 -9.98 11.44
C PHE B 52 -19.28 -10.71 10.68
N ASN B 53 -19.19 -10.65 9.36
CA ASN B 53 -19.87 -11.58 8.48
C ASN B 53 -18.84 -12.06 7.54
N TRP B 54 -18.85 -13.36 7.29
CA TRP B 54 -17.90 -13.97 6.36
C TRP B 54 -18.60 -14.61 5.16
N TYR B 55 -18.01 -14.40 3.98
CA TYR B 55 -18.48 -15.03 2.73
C TYR B 55 -17.36 -15.75 1.89
N VAL B 56 -17.67 -16.98 1.51
CA VAL B 56 -16.91 -17.77 0.55
C VAL B 56 -17.63 -17.73 -0.83
N ASP B 57 -16.90 -17.29 -1.86
CA ASP B 57 -17.45 -17.02 -3.19
C ASP B 57 -18.85 -16.39 -3.14
N GLY B 58 -19.05 -15.42 -2.24
CA GLY B 58 -20.32 -14.73 -2.16
C GLY B 58 -21.38 -15.31 -1.21
N VAL B 59 -21.25 -16.56 -0.81
CA VAL B 59 -22.24 -17.19 0.09
C VAL B 59 -21.79 -16.99 1.53
N GLU B 60 -22.71 -16.66 2.43
CA GLU B 60 -22.34 -16.41 3.82
C GLU B 60 -22.09 -17.71 4.51
N VAL B 61 -21.01 -17.74 5.31
CA VAL B 61 -20.69 -18.89 6.14
C VAL B 61 -20.65 -18.44 7.57
N HIS B 62 -20.79 -19.42 8.46
CA HIS B 62 -21.12 -19.17 9.86
C HIS B 62 -20.17 -19.77 10.87
N ASN B 63 -19.13 -20.42 10.39
CA ASN B 63 -18.29 -21.25 11.23
C ASN B 63 -17.02 -20.48 11.77
N ALA B 64 -16.89 -19.18 11.48
CA ALA B 64 -15.73 -18.38 11.93
C ALA B 64 -15.74 -18.19 13.40
N LYS B 65 -14.59 -17.84 13.97
CA LYS B 65 -14.42 -17.72 15.44
C LYS B 65 -13.71 -16.41 15.83
N THR B 66 -14.45 -15.57 16.52
CA THR B 66 -14.04 -14.22 16.87
C THR B 66 -13.33 -14.26 18.22
N LYS B 67 -12.20 -13.59 18.35
CA LYS B 67 -11.52 -13.56 19.67
C LYS B 67 -12.00 -12.38 20.51
N PRO B 68 -11.82 -12.49 21.85
CA PRO B 68 -12.14 -11.26 22.58
C PRO B 68 -11.14 -10.10 22.26
N ARG B 69 -11.63 -8.91 22.53
CA ARG B 69 -10.90 -7.65 22.35
C ARG B 69 -9.58 -7.58 23.11
N GLU B 70 -8.66 -6.76 22.61
CA GLU B 70 -7.35 -6.56 23.23
C GLU B 70 -6.98 -5.08 23.34
N GLU B 71 -6.83 -4.59 24.57
CA GLU B 71 -6.38 -3.22 24.78
C GLU B 71 -4.95 -3.13 24.27
N GLN B 72 -4.59 -2.05 23.59
CA GLN B 72 -3.23 -1.86 23.02
C GLN B 72 -2.56 -0.72 23.72
N TYR B 73 -1.25 -0.57 23.53
CA TYR B 73 -0.53 0.55 24.15
C TYR B 73 -1.15 1.89 23.68
N ASN B 74 -1.50 2.02 22.40
CA ASN B 74 -2.10 3.30 21.90
C ASN B 74 -3.53 3.57 22.39
N SER B 75 -4.10 2.70 23.22
CA SER B 75 -5.47 2.81 23.77
C SER B 75 -6.58 2.81 22.70
N THR B 76 -6.62 1.69 21.98
CA THR B 76 -7.62 1.35 21.01
C THR B 76 -7.78 -0.14 21.17
N TYR B 77 -8.93 -0.72 20.88
CA TYR B 77 -9.03 -2.18 20.85
C TYR B 77 -8.56 -2.74 19.49
N ARG B 78 -8.15 -4.00 19.50
CA ARG B 78 -7.86 -4.77 18.29
C ARG B 78 -8.73 -5.99 18.36
N VAL B 79 -9.43 -6.32 17.28
CA VAL B 79 -10.40 -7.40 17.33
C VAL B 79 -10.15 -8.32 16.16
N VAL B 80 -10.12 -9.62 16.45
CA VAL B 80 -9.70 -10.57 15.43
C VAL B 80 -10.65 -11.72 15.28
N SER B 81 -11.01 -11.96 14.01
CA SER B 81 -11.85 -13.08 13.62
C SER B 81 -11.11 -14.03 12.69
N VAL B 82 -11.29 -15.33 12.94
CA VAL B 82 -10.57 -16.40 12.24
C VAL B 82 -11.47 -17.47 11.63
N LEU B 83 -11.44 -17.58 10.32
CA LEU B 83 -12.23 -18.54 9.56
C LEU B 83 -11.32 -19.62 8.99
N THR B 84 -11.61 -20.87 9.37
CA THR B 84 -10.91 -22.02 8.84
C THR B 84 -11.34 -22.32 7.41
N VAL B 85 -10.38 -22.46 6.51
CA VAL B 85 -10.72 -22.80 5.14
C VAL B 85 -10.49 -24.26 4.83
N LEU B 86 -11.23 -24.78 3.86
CA LEU B 86 -10.92 -26.11 3.38
C LEU B 86 -9.71 -26.05 2.44
N HIS B 87 -8.90 -27.12 2.48
CA HIS B 87 -7.70 -27.16 1.67
C HIS B 87 -8.07 -26.99 0.21
N GLN B 88 -9.06 -27.78 -0.20
CA GLN B 88 -9.51 -27.78 -1.57
C GLN B 88 -10.03 -26.41 -2.01
N ASP B 89 -10.74 -25.71 -1.12
CA ASP B 89 -11.34 -24.39 -1.46
C ASP B 89 -10.32 -23.35 -1.68
N TRP B 90 -9.30 -23.28 -0.82
CA TRP B 90 -8.24 -22.31 -1.02
C TRP B 90 -7.54 -22.58 -2.34
N LEU B 91 -7.12 -23.82 -2.52
CA LEU B 91 -6.44 -24.20 -3.76
C LEU B 91 -7.33 -24.10 -4.99
N ASN B 92 -8.63 -24.41 -4.89
CA ASN B 92 -9.54 -24.24 -6.05
C ASN B 92 -9.89 -22.80 -6.38
N GLY B 93 -9.42 -21.83 -5.61
CA GLY B 93 -9.46 -20.42 -6.05
C GLY B 93 -10.53 -19.57 -5.45
N LYS B 94 -11.18 -20.03 -4.38
CA LYS B 94 -12.32 -19.34 -3.82
C LYS B 94 -11.96 -18.04 -3.12
N GLU B 95 -12.95 -17.14 -3.16
CA GLU B 95 -12.84 -15.76 -2.73
C GLU B 95 -13.37 -15.71 -1.31
N TYR B 96 -12.59 -15.19 -0.37
CA TYR B 96 -12.98 -15.07 1.03
C TYR B 96 -13.27 -13.59 1.30
N LYS B 97 -14.47 -13.29 1.78
CA LYS B 97 -14.82 -11.91 2.04
C LYS B 97 -15.02 -11.79 3.51
N CYS B 98 -14.34 -10.81 4.12
CA CYS B 98 -14.55 -10.44 5.51
C CYS B 98 -15.32 -9.15 5.54
N LYS B 99 -16.51 -9.15 6.16
CA LYS B 99 -17.28 -7.89 6.29
C LYS B 99 -17.41 -7.48 7.73
N VAL B 100 -17.04 -6.24 8.02
CA VAL B 100 -16.86 -5.72 9.41
C VAL B 100 -17.69 -4.46 9.66
N SER B 101 -18.41 -4.42 10.79
CA SER B 101 -19.39 -3.36 11.04
C SER B 101 -19.23 -2.71 12.41
N ASN B 102 -19.09 -1.38 12.43
CA ASN B 102 -18.87 -0.67 13.69
C ASN B 102 -19.56 0.67 13.62
N LYS B 103 -20.13 1.13 14.75
CA LYS B 103 -20.84 2.43 14.77
C LYS B 103 -19.98 3.63 14.40
N ALA B 104 -18.67 3.54 14.53
CA ALA B 104 -17.77 4.61 14.03
C ALA B 104 -17.67 4.70 12.53
N LEU B 105 -18.37 3.83 11.82
CA LEU B 105 -18.29 3.74 10.36
C LEU B 105 -19.65 4.00 9.69
N PRO B 106 -19.62 4.70 8.56
CA PRO B 106 -20.83 4.99 7.85
C PRO B 106 -21.43 3.74 7.15
N ALA B 107 -20.63 2.67 7.07
CA ALA B 107 -20.95 1.46 6.31
C ALA B 107 -19.90 0.46 6.66
N PRO B 108 -20.23 -0.84 6.52
CA PRO B 108 -19.21 -1.82 6.79
C PRO B 108 -18.01 -1.71 5.85
N ILE B 109 -16.88 -2.20 6.34
CA ILE B 109 -15.70 -2.46 5.50
C ILE B 109 -15.74 -3.90 5.07
N GLU B 110 -15.53 -4.12 3.77
CA GLU B 110 -15.44 -5.45 3.18
C GLU B 110 -14.05 -5.62 2.61
N LYS B 111 -13.38 -6.71 2.94
CA LYS B 111 -12.11 -7.04 2.30
C LYS B 111 -12.21 -8.45 1.77
N THR B 112 -11.59 -8.67 0.63
CA THR B 112 -11.60 -9.97 0.00
C THR B 112 -10.19 -10.48 -0.21
N ILE B 113 -9.96 -11.74 0.07
CA ILE B 113 -8.69 -12.38 -0.28
C ILE B 113 -8.96 -13.72 -0.95
N SER B 114 -8.07 -14.07 -1.86
CA SER B 114 -8.10 -15.35 -2.58
C SER B 114 -6.67 -15.76 -2.91
N LYS B 115 -6.48 -17.03 -3.25
CA LYS B 115 -5.19 -17.37 -3.82
C LYS B 115 -4.93 -16.56 -5.08
N ALA B 116 -3.66 -16.32 -5.35
CA ALA B 116 -3.27 -15.73 -6.58
C ALA B 116 -3.82 -16.54 -7.75
N LYS B 117 -3.98 -15.84 -8.87
CA LYS B 117 -4.68 -16.34 -10.02
C LYS B 117 -3.64 -16.53 -11.09
N GLY B 118 -3.84 -17.49 -11.97
CA GLY B 118 -2.81 -17.81 -12.96
C GLY B 118 -2.49 -19.27 -12.98
N GLN B 119 -2.09 -19.76 -14.14
CA GLN B 119 -1.62 -21.12 -14.30
C GLN B 119 -0.45 -21.41 -13.32
N PRO B 120 -0.63 -22.40 -12.41
CA PRO B 120 0.44 -22.89 -11.56
C PRO B 120 1.63 -23.39 -12.32
N ARG B 121 2.77 -23.40 -11.64
CA ARG B 121 4.04 -23.78 -12.25
C ARG B 121 4.91 -24.54 -11.28
N GLU B 122 5.50 -25.59 -11.82
CA GLU B 122 6.26 -26.52 -11.02
C GLU B 122 7.64 -25.89 -10.65
N PRO B 123 7.99 -25.92 -9.35
CA PRO B 123 9.32 -25.47 -9.03
C PRO B 123 10.35 -26.48 -9.48
N GLN B 124 11.40 -25.90 -10.04
CA GLN B 124 12.65 -26.54 -10.30
C GLN B 124 13.49 -26.30 -9.06
N VAL B 125 14.09 -27.35 -8.52
CA VAL B 125 14.91 -27.24 -7.32
C VAL B 125 16.34 -27.68 -7.59
N TYR B 126 17.27 -26.71 -7.56
CA TYR B 126 18.69 -27.00 -7.80
C TYR B 126 19.46 -26.68 -6.52
N THR B 127 20.25 -27.63 -6.02
CA THR B 127 21.15 -27.39 -4.88
C THR B 127 22.58 -27.19 -5.36
N LEU B 128 23.31 -26.32 -4.71
CA LEU B 128 24.65 -25.91 -5.13
C LEU B 128 25.66 -25.98 -3.97
N PRO B 129 26.84 -26.55 -4.20
CA PRO B 129 27.86 -26.64 -3.15
C PRO B 129 28.59 -25.31 -2.97
N PRO B 130 29.45 -25.19 -1.93
CA PRO B 130 30.20 -23.97 -1.69
C PRO B 130 31.08 -23.63 -2.85
N SER B 131 31.32 -22.35 -3.07
CA SER B 131 32.39 -21.93 -3.96
C SER B 131 33.67 -22.44 -3.34
N ARG B 132 34.55 -22.94 -4.18
CA ARG B 132 35.90 -23.37 -3.77
C ARG B 132 36.54 -22.35 -2.81
N ASP B 133 36.45 -21.06 -3.17
CA ASP B 133 36.95 -19.95 -2.37
C ASP B 133 36.42 -19.93 -0.94
N GLU B 134 35.32 -20.59 -0.67
CA GLU B 134 34.79 -20.59 0.67
C GLU B 134 35.46 -21.60 1.57
N LEU B 135 36.15 -22.59 1.02
CA LEU B 135 36.68 -23.71 1.85
C LEU B 135 37.84 -23.23 2.79
N THR B 136 38.42 -22.07 2.47
CA THR B 136 39.20 -21.25 3.43
C THR B 136 38.58 -21.17 4.83
N LYS B 137 37.27 -21.03 4.96
CA LYS B 137 36.68 -20.64 6.23
C LYS B 137 36.35 -21.82 7.11
N ASN B 138 35.88 -21.52 8.33
CA ASN B 138 35.34 -22.51 9.29
C ASN B 138 33.89 -22.83 9.03
N GLN B 139 33.22 -22.00 8.24
CA GLN B 139 31.86 -22.30 7.86
C GLN B 139 31.70 -22.12 6.38
N VAL B 140 30.98 -23.07 5.79
CA VAL B 140 30.70 -23.08 4.36
C VAL B 140 29.20 -22.82 4.11
N SER B 141 28.88 -22.45 2.87
CA SER B 141 27.51 -22.12 2.47
C SER B 141 26.93 -23.07 1.40
N LEU B 142 25.98 -23.89 1.89
CA LEU B 142 25.14 -24.76 1.06
C LEU B 142 23.87 -24.08 0.55
N THR B 143 23.72 -23.99 -0.78
CA THR B 143 22.72 -23.14 -1.44
C THR B 143 21.61 -23.94 -2.13
N CYS B 144 20.35 -23.53 -1.96
CA CYS B 144 19.23 -24.14 -2.65
C CYS B 144 18.51 -23.14 -3.48
N LEU B 145 18.68 -23.30 -4.80
CA LEU B 145 17.97 -22.49 -5.80
C LEU B 145 16.66 -23.15 -6.11
N VAL B 146 15.55 -22.39 -5.97
CA VAL B 146 14.19 -22.85 -6.33
C VAL B 146 13.62 -21.83 -7.30
N LYS B 147 13.42 -22.21 -8.57
CA LYS B 147 12.89 -21.29 -9.59
C LYS B 147 11.71 -21.82 -10.43
N GLY B 148 11.11 -20.86 -11.14
CA GLY B 148 10.16 -21.14 -12.19
C GLY B 148 8.82 -21.59 -11.67
N PHE B 149 8.51 -21.13 -10.44
CA PHE B 149 7.26 -21.47 -9.73
C PHE B 149 6.24 -20.35 -9.70
N TYR B 150 4.98 -20.76 -9.70
CA TYR B 150 3.80 -19.89 -9.63
C TYR B 150 2.73 -20.71 -8.99
N PRO B 151 1.91 -20.16 -8.07
CA PRO B 151 2.12 -18.86 -7.36
C PRO B 151 3.28 -18.84 -6.36
N SER B 152 3.49 -17.72 -5.65
CA SER B 152 4.63 -17.57 -4.75
C SER B 152 4.53 -18.22 -3.38
N ASP B 153 3.48 -18.93 -3.17
CA ASP B 153 3.27 -19.60 -1.91
C ASP B 153 4.08 -20.87 -1.97
N ILE B 154 5.05 -20.96 -1.05
CA ILE B 154 6.02 -22.06 -0.99
C ILE B 154 6.65 -22.20 0.40
N ALA B 155 7.24 -23.36 0.62
CA ALA B 155 7.93 -23.63 1.85
C ALA B 155 9.21 -24.36 1.48
N VAL B 156 10.30 -23.91 2.08
CA VAL B 156 11.63 -24.41 1.85
C VAL B 156 12.27 -24.64 3.20
N GLU B 157 12.79 -25.83 3.40
CA GLU B 157 13.47 -26.17 4.64
C GLU B 157 14.69 -27.02 4.30
N TRP B 158 15.55 -27.21 5.30
CA TRP B 158 16.74 -27.99 5.18
C TRP B 158 16.82 -29.06 6.28
N GLU B 159 17.47 -30.17 5.94
CA GLU B 159 17.69 -31.23 6.90
C GLU B 159 18.86 -32.09 6.52
N SER B 160 19.38 -32.77 7.53
CA SER B 160 20.46 -33.70 7.32
C SER B 160 20.18 -34.89 8.18
N ASN B 161 20.60 -36.06 7.67
CA ASN B 161 20.53 -37.29 8.41
C ASN B 161 19.23 -37.38 9.21
N GLY B 162 18.14 -36.98 8.53
CA GLY B 162 16.79 -36.99 9.08
C GLY B 162 16.38 -35.73 9.81
N GLN B 163 17.27 -35.23 10.68
CA GLN B 163 16.99 -34.05 11.54
C GLN B 163 17.01 -32.74 10.74
N PRO B 164 16.12 -31.76 11.12
CA PRO B 164 16.17 -30.45 10.47
C PRO B 164 17.41 -29.62 10.95
N GLU B 165 18.08 -28.94 10.01
CA GLU B 165 19.27 -28.11 10.27
C GLU B 165 18.80 -26.73 10.62
N ASN B 166 19.30 -26.17 11.70
CA ASN B 166 18.68 -24.94 12.24
C ASN B 166 19.16 -23.60 11.56
N ASN B 167 20.48 -23.53 11.23
CA ASN B 167 21.14 -22.33 10.75
C ASN B 167 21.01 -22.15 9.22
N TYR B 168 19.84 -21.69 8.77
CA TYR B 168 19.60 -21.38 7.38
C TYR B 168 18.65 -20.23 7.30
N LYS B 169 18.76 -19.39 6.27
CA LYS B 169 17.75 -18.37 5.94
C LYS B 169 17.41 -18.54 4.45
N THR B 170 16.10 -18.41 4.14
CA THR B 170 15.53 -18.45 2.82
C THR B 170 15.11 -17.04 2.48
N THR B 171 15.48 -16.51 1.33
CA THR B 171 15.09 -15.16 0.91
C THR B 171 13.60 -15.18 0.60
N PRO B 172 12.92 -14.02 0.64
CA PRO B 172 11.56 -14.13 0.16
C PRO B 172 11.56 -14.40 -1.37
N PRO B 173 10.38 -14.72 -1.95
CA PRO B 173 10.29 -14.96 -3.38
C PRO B 173 10.62 -13.72 -4.11
N VAL B 174 11.05 -13.86 -5.35
CA VAL B 174 11.39 -12.71 -6.22
C VAL B 174 10.74 -12.97 -7.56
N LEU B 175 10.24 -11.92 -8.18
CA LEU B 175 9.53 -12.09 -9.44
C LEU B 175 10.55 -12.02 -10.50
N ASP B 176 10.55 -13.04 -11.35
CA ASP B 176 11.55 -13.26 -12.38
C ASP B 176 11.03 -12.74 -13.73
N SER B 177 11.90 -12.67 -14.75
CA SER B 177 11.57 -12.01 -16.03
C SER B 177 10.38 -12.64 -16.76
N ASP B 178 10.12 -13.92 -16.50
CA ASP B 178 9.05 -14.66 -17.17
C ASP B 178 7.69 -14.77 -16.42
N GLY B 179 7.45 -13.94 -15.41
CA GLY B 179 6.24 -14.03 -14.62
C GLY B 179 6.27 -15.01 -13.45
N SER B 180 7.21 -15.97 -13.44
CA SER B 180 7.37 -16.93 -12.33
C SER B 180 8.18 -16.34 -11.21
N PHE B 181 8.38 -17.10 -10.15
CA PHE B 181 9.13 -16.67 -9.00
C PHE B 181 10.29 -17.59 -8.71
N PHE B 182 11.25 -17.09 -7.95
CA PHE B 182 12.35 -17.88 -7.53
C PHE B 182 12.80 -17.44 -6.17
N LEU B 183 13.48 -18.33 -5.45
CA LEU B 183 14.17 -17.90 -4.28
C LEU B 183 15.47 -18.67 -4.02
N TYR B 184 16.19 -18.26 -3.01
CA TYR B 184 17.39 -18.96 -2.63
C TYR B 184 17.28 -19.21 -1.14
N SER B 185 17.80 -20.35 -0.69
CA SER B 185 17.92 -20.67 0.72
C SER B 185 19.38 -21.01 1.02
N LYS B 186 20.00 -20.33 1.95
CA LYS B 186 21.41 -20.57 2.28
C LYS B 186 21.41 -21.35 3.56
N LEU B 187 22.15 -22.45 3.60
CA LEU B 187 22.29 -23.25 4.84
C LEU B 187 23.75 -23.10 5.28
N THR B 188 24.00 -22.63 6.50
CA THR B 188 25.37 -22.46 6.96
C THR B 188 25.72 -23.63 7.93
N VAL B 189 26.84 -24.33 7.65
CA VAL B 189 27.36 -25.44 8.46
C VAL B 189 28.88 -25.32 8.68
N ASP B 190 29.47 -26.16 9.53
CA ASP B 190 30.94 -26.19 9.69
C ASP B 190 31.67 -26.82 8.51
N LYS B 191 32.88 -26.34 8.25
CA LYS B 191 33.69 -26.90 7.17
C LYS B 191 33.86 -28.41 7.36
N SER B 192 34.26 -28.85 8.57
CA SER B 192 34.38 -30.28 8.93
C SER B 192 33.18 -31.12 8.48
N ARG B 193 31.99 -30.66 8.87
CA ARG B 193 30.74 -31.40 8.59
C ARG B 193 30.59 -31.67 7.08
N TRP B 194 30.82 -30.64 6.28
CA TRP B 194 30.69 -30.80 4.84
C TRP B 194 31.77 -31.77 4.31
N GLN B 195 33.02 -31.62 4.73
CA GLN B 195 34.09 -32.52 4.27
C GLN B 195 33.91 -33.96 4.83
N GLN B 196 33.43 -34.06 6.09
CA GLN B 196 33.13 -35.36 6.74
C GLN B 196 32.19 -36.20 5.89
N GLY B 197 31.58 -35.62 4.85
CA GLY B 197 30.90 -36.34 3.79
C GLY B 197 29.38 -36.37 3.97
N ASN B 198 28.90 -35.81 5.09
CA ASN B 198 27.45 -35.73 5.46
C ASN B 198 26.46 -35.41 4.30
N VAL B 199 25.25 -35.96 4.41
CA VAL B 199 24.20 -35.71 3.41
C VAL B 199 23.16 -34.75 3.99
N PHE B 200 22.98 -33.69 3.19
CA PHE B 200 22.07 -32.57 3.43
C PHE B 200 20.96 -32.51 2.36
N SER B 201 19.79 -32.02 2.77
CA SER B 201 18.66 -31.96 1.87
C SER B 201 17.85 -30.68 1.91
N CYS B 202 17.50 -30.19 0.73
CA CYS B 202 16.61 -29.08 0.55
C CYS B 202 15.17 -29.60 0.30
N SER B 203 14.31 -29.53 1.32
CA SER B 203 12.88 -29.83 1.20
C SER B 203 12.06 -28.68 0.62
N VAL B 204 11.35 -28.91 -0.50
CA VAL B 204 10.42 -27.93 -1.04
C VAL B 204 8.99 -28.42 -1.10
N MET B 205 8.08 -27.59 -0.61
CA MET B 205 6.65 -27.88 -0.71
C MET B 205 5.97 -26.78 -1.48
N HIS B 206 5.21 -27.20 -2.52
CA HIS B 206 4.51 -26.27 -3.39
C HIS B 206 3.35 -26.93 -4.08
N GLU B 207 2.31 -26.19 -4.42
CA GLU B 207 1.10 -26.84 -4.94
C GLU B 207 1.31 -27.60 -6.22
N ALA B 208 2.26 -27.19 -7.05
CA ALA B 208 2.49 -27.84 -8.34
C ALA B 208 3.43 -29.05 -8.33
N LEU B 209 3.97 -29.44 -7.18
CA LEU B 209 4.81 -30.59 -7.17
C LEU B 209 3.95 -31.83 -7.01
N HIS B 210 4.21 -32.90 -7.77
CA HIS B 210 3.65 -34.22 -7.48
C HIS B 210 3.77 -34.36 -5.96
N ASN B 211 2.59 -34.49 -5.37
CA ASN B 211 2.37 -34.79 -3.98
C ASN B 211 2.78 -33.64 -3.07
N HIS B 212 2.71 -32.43 -3.63
CA HIS B 212 3.12 -31.20 -2.98
C HIS B 212 4.55 -31.18 -2.42
N TYR B 213 5.44 -32.05 -2.91
CA TYR B 213 6.73 -32.19 -2.28
C TYR B 213 7.75 -32.73 -3.19
N THR B 214 8.95 -32.20 -3.05
CA THR B 214 10.12 -32.73 -3.67
C THR B 214 11.28 -32.40 -2.77
N GLN B 215 12.35 -33.14 -2.94
CA GLN B 215 13.46 -33.10 -2.02
C GLN B 215 14.73 -33.36 -2.78
N LYS B 216 15.62 -32.38 -2.89
CA LYS B 216 16.96 -32.61 -3.52
C LYS B 216 18.08 -32.65 -2.48
N SER B 217 19.06 -33.52 -2.73
CA SER B 217 20.15 -33.74 -1.79
C SER B 217 21.42 -33.09 -2.22
N LEU B 218 22.35 -32.96 -1.28
CA LEU B 218 23.64 -32.38 -1.60
C LEU B 218 24.77 -32.94 -0.76
N SER B 219 25.90 -33.26 -1.41
CA SER B 219 27.11 -33.71 -0.71
C SER B 219 28.36 -33.73 -1.64
N LEU B 220 29.52 -33.95 -1.00
CA LEU B 220 30.80 -33.81 -1.62
C LEU B 220 31.20 -34.91 -2.63
N SER B 221 31.65 -34.48 -3.83
CA SER B 221 32.60 -35.25 -4.77
C SER B 221 32.50 -34.66 -6.18
N ASP C 4 -60.47 28.84 -7.12
CA ASP C 4 -59.51 27.84 -6.56
C ASP C 4 -58.36 28.49 -5.73
N LEU C 5 -57.25 27.77 -5.47
CA LEU C 5 -56.35 28.06 -4.34
C LEU C 5 -54.87 27.68 -4.64
N PRO C 6 -53.91 28.52 -4.25
CA PRO C 6 -52.55 28.24 -4.70
C PRO C 6 -51.97 27.02 -3.99
N LYS C 7 -51.00 26.37 -4.62
CA LYS C 7 -50.41 25.20 -3.98
C LYS C 7 -49.22 25.56 -3.15
N ALA C 8 -49.16 24.90 -2.00
CA ALA C 8 -48.13 25.07 -1.03
C ALA C 8 -46.83 24.59 -1.63
N GLU C 9 -45.71 24.94 -1.01
CA GLU C 9 -44.45 24.34 -1.42
C GLU C 9 -43.60 23.96 -0.26
N VAL C 10 -42.76 22.97 -0.53
CA VAL C 10 -41.83 22.44 0.45
C VAL C 10 -40.49 23.09 0.21
N ILE C 11 -39.93 23.60 1.29
CA ILE C 11 -38.65 24.20 1.31
C ILE C 11 -37.76 23.35 2.21
N LEU C 12 -36.51 23.19 1.74
CA LEU C 12 -35.48 22.42 2.44
C LEU C 12 -34.47 23.33 3.14
N GLU C 13 -34.22 23.09 4.43
CA GLU C 13 -33.13 23.79 5.15
C GLU C 13 -32.25 22.74 5.92
N PRO C 14 -30.97 22.60 5.52
CA PRO C 14 -30.35 23.32 4.40
C PRO C 14 -30.93 22.86 3.10
N GLN C 15 -30.58 23.51 2.01
CA GLN C 15 -31.23 23.31 0.72
C GLN C 15 -30.94 22.01 -0.01
N TRP C 16 -30.05 21.15 0.50
CA TRP C 16 -29.43 20.15 -0.38
C TRP C 16 -30.38 19.01 -0.60
N ASN C 17 -30.62 18.74 -1.87
CA ASN C 17 -31.48 17.60 -2.26
C ASN C 17 -30.90 16.19 -1.98
N ARG C 18 -29.57 16.10 -1.94
CA ARG C 18 -28.82 14.87 -1.57
C ARG C 18 -28.13 15.01 -0.21
N VAL C 19 -28.32 14.07 0.68
CA VAL C 19 -27.73 14.13 2.01
C VAL C 19 -27.20 12.74 2.45
N LEU C 20 -26.38 12.75 3.50
CA LEU C 20 -25.84 11.49 4.08
C LEU C 20 -26.63 11.05 5.30
N GLU C 21 -26.56 9.77 5.57
CA GLU C 21 -27.20 9.28 6.76
C GLU C 21 -26.63 10.10 7.93
N LYS C 22 -27.51 10.45 8.87
CA LYS C 22 -27.17 11.20 10.09
C LYS C 22 -27.26 12.72 9.93
N ASP C 23 -27.18 13.24 8.69
CA ASP C 23 -27.53 14.63 8.39
C ASP C 23 -28.92 15.04 8.94
N SER C 24 -28.95 16.10 9.74
CA SER C 24 -30.21 16.80 10.01
C SER C 24 -30.72 17.44 8.70
N VAL C 25 -32.03 17.38 8.52
CA VAL C 25 -32.67 18.16 7.48
C VAL C 25 -34.09 18.56 7.90
N THR C 26 -34.41 19.82 7.63
CA THR C 26 -35.68 20.45 8.06
C THR C 26 -36.51 20.76 6.81
N LEU C 27 -37.72 20.23 6.79
CA LEU C 27 -38.64 20.50 5.69
C LEU C 27 -39.67 21.44 6.24
N LYS C 28 -39.88 22.51 5.52
CA LYS C 28 -40.53 23.70 6.03
C LYS C 28 -41.63 23.89 5.00
N CYS C 29 -42.90 23.85 5.43
CA CYS C 29 -44.03 24.04 4.48
C CYS C 29 -44.46 25.49 4.37
N ARG C 30 -44.56 26.03 3.15
CA ARG C 30 -45.04 27.39 3.01
C ARG C 30 -46.30 27.53 2.21
N GLY C 31 -47.37 27.73 2.96
CA GLY C 31 -48.54 28.37 2.44
C GLY C 31 -49.24 29.10 3.55
N ALA C 32 -50.37 29.70 3.17
CA ALA C 32 -51.24 30.48 4.01
C ALA C 32 -52.15 29.57 4.83
N TYR C 33 -52.27 29.86 6.14
CA TYR C 33 -53.17 29.14 7.06
C TYR C 33 -54.53 29.87 7.22
N SER C 34 -55.54 29.19 7.72
CA SER C 34 -56.82 29.85 8.02
C SER C 34 -56.70 30.37 9.45
N PRO C 35 -57.63 31.25 9.85
CA PRO C 35 -57.71 31.59 11.28
C PRO C 35 -58.07 30.39 12.18
N GLU C 36 -58.90 29.48 11.64
CA GLU C 36 -59.50 28.39 12.43
C GLU C 36 -58.57 27.19 12.52
N ASP C 37 -57.68 27.01 11.52
CA ASP C 37 -56.91 25.79 11.32
C ASP C 37 -55.39 26.04 11.21
N ASN C 38 -54.75 25.68 12.29
CA ASN C 38 -53.34 25.91 12.52
C ASN C 38 -52.38 24.82 11.94
N SER C 39 -52.94 23.78 11.34
CA SER C 39 -52.21 22.58 10.97
C SER C 39 -51.69 22.53 9.51
N THR C 40 -50.73 21.62 9.36
CA THR C 40 -50.01 21.38 8.15
C THR C 40 -49.91 19.84 8.04
N GLN C 41 -50.33 19.25 6.92
CA GLN C 41 -50.21 17.81 6.78
C GLN C 41 -49.04 17.49 5.89
N TRP C 42 -48.33 16.43 6.25
CA TRP C 42 -47.10 16.05 5.58
C TRP C 42 -47.23 14.65 4.97
N PHE C 43 -46.98 14.51 3.67
CA PHE C 43 -46.75 13.18 3.08
C PHE C 43 -45.28 12.85 2.68
N HIS C 44 -44.88 11.60 2.91
CA HIS C 44 -43.60 10.99 2.45
C HIS C 44 -43.89 9.83 1.52
N ASN C 45 -43.62 10.00 0.23
CA ASN C 45 -44.17 9.10 -0.76
C ASN C 45 -45.70 9.06 -0.47
N GLU C 46 -46.28 7.86 -0.32
CA GLU C 46 -47.72 7.71 -0.24
C GLU C 46 -48.21 7.78 1.18
N SER C 47 -47.25 7.76 2.12
CA SER C 47 -47.52 7.77 3.57
C SER C 47 -47.81 9.12 4.20
N LEU C 48 -48.78 9.15 5.09
CA LEU C 48 -49.10 10.34 5.81
C LEU C 48 -48.19 10.31 7.02
N ILE C 49 -47.48 11.42 7.25
CA ILE C 49 -46.58 11.59 8.38
C ILE C 49 -47.48 12.09 9.48
N SER C 50 -47.35 11.55 10.70
CA SER C 50 -48.37 11.88 11.73
C SER C 50 -48.23 13.29 12.25
N SER C 51 -46.99 13.81 12.33
CA SER C 51 -46.74 15.19 12.82
C SER C 51 -47.46 16.24 11.99
N GLN C 52 -48.03 17.21 12.70
CA GLN C 52 -48.95 18.19 12.15
C GLN C 52 -48.29 19.57 12.06
N ALA C 53 -46.97 19.57 12.25
CA ALA C 53 -46.17 20.78 12.45
C ALA C 53 -46.07 21.65 11.20
N SER C 54 -45.93 22.96 11.39
CA SER C 54 -45.61 23.89 10.30
C SER C 54 -44.43 23.41 9.43
N SER C 55 -43.41 22.88 10.10
CA SER C 55 -42.23 22.34 9.48
C SER C 55 -41.90 20.98 10.11
N TYR C 56 -41.27 20.10 9.33
CA TYR C 56 -41.02 18.69 9.69
C TYR C 56 -39.52 18.37 9.79
N LEU C 57 -39.11 17.77 10.91
CA LEU C 57 -37.68 17.55 11.22
C LEU C 57 -37.27 16.08 10.98
N ILE C 58 -36.22 15.88 10.19
CA ILE C 58 -35.58 14.60 10.10
C ILE C 58 -34.30 14.89 10.83
N ASP C 59 -34.26 14.50 12.08
CA ASP C 59 -33.15 14.87 12.91
C ASP C 59 -31.85 14.14 12.46
N ALA C 60 -31.95 12.81 12.29
CA ALA C 60 -30.85 11.95 11.80
C ALA C 60 -31.38 11.08 10.60
N ALA C 61 -31.08 11.54 9.37
CA ALA C 61 -31.59 10.90 8.14
C ALA C 61 -31.16 9.44 7.99
N THR C 62 -32.04 8.61 7.43
CA THR C 62 -31.69 7.24 7.04
C THR C 62 -32.18 7.04 5.62
N VAL C 63 -31.70 5.99 4.99
CA VAL C 63 -32.01 5.72 3.59
C VAL C 63 -33.52 5.58 3.41
N ASP C 64 -34.18 5.07 4.44
CA ASP C 64 -35.62 5.04 4.43
C ASP C 64 -36.30 6.44 4.33
N ASP C 65 -35.66 7.49 4.81
CA ASP C 65 -36.20 8.86 4.65
C ASP C 65 -36.22 9.32 3.18
N SER C 66 -35.44 8.67 2.31
CA SER C 66 -35.48 8.99 0.87
C SER C 66 -36.92 8.99 0.25
N GLY C 67 -37.11 9.85 -0.77
CA GLY C 67 -38.33 9.90 -1.57
C GLY C 67 -38.94 11.28 -1.81
N GLU C 68 -40.23 11.31 -2.12
CA GLU C 68 -40.95 12.54 -2.40
C GLU C 68 -41.60 13.07 -1.15
N TYR C 69 -41.51 14.36 -0.94
CA TYR C 69 -42.17 14.99 0.21
C TYR C 69 -43.14 16.07 -0.26
N ARG C 70 -44.34 16.05 0.30
CA ARG C 70 -45.36 17.07 0.01
C ARG C 70 -45.93 17.53 1.27
N CYS C 71 -46.42 18.77 1.23
CA CYS C 71 -47.11 19.37 2.36
C CYS C 71 -48.38 20.11 1.93
N GLN C 72 -49.19 20.38 2.92
CA GLN C 72 -50.39 21.15 2.67
C GLN C 72 -50.85 21.79 3.93
N THR C 73 -51.37 22.97 3.71
CA THR C 73 -51.59 23.99 4.74
C THR C 73 -53.10 24.32 4.64
N SER C 74 -53.71 24.79 5.71
CA SER C 74 -55.17 24.96 5.70
C SER C 74 -55.77 25.81 4.56
N LEU C 75 -55.02 26.72 3.94
CA LEU C 75 -55.54 27.49 2.77
C LEU C 75 -54.71 27.34 1.49
N SER C 76 -54.05 26.19 1.36
CA SER C 76 -53.42 25.81 0.11
C SER C 76 -53.97 24.45 -0.40
N THR C 77 -54.06 24.31 -1.70
CA THR C 77 -53.84 23.04 -2.38
C THR C 77 -52.59 22.28 -1.88
N LEU C 78 -52.54 20.98 -2.16
CA LEU C 78 -51.38 20.12 -1.88
C LEU C 78 -50.14 20.41 -2.78
N SER C 79 -48.96 20.41 -2.13
CA SER C 79 -47.73 20.86 -2.74
C SER C 79 -47.28 19.93 -3.80
N ASP C 80 -46.64 20.45 -4.83
CA ASP C 80 -45.91 19.61 -5.75
C ASP C 80 -44.83 18.92 -4.91
N PRO C 81 -44.37 17.72 -5.38
CA PRO C 81 -43.44 16.97 -4.56
C PRO C 81 -42.00 17.50 -4.63
N VAL C 82 -41.27 17.25 -3.56
CA VAL C 82 -39.87 17.62 -3.47
C VAL C 82 -39.12 16.35 -3.13
N GLN C 83 -37.98 16.19 -3.80
CA GLN C 83 -37.20 14.96 -3.85
C GLN C 83 -36.08 15.03 -2.84
N LEU C 84 -35.86 13.95 -2.08
CA LEU C 84 -34.73 13.84 -1.14
C LEU C 84 -34.06 12.45 -1.21
N GLU C 85 -32.76 12.43 -1.51
CA GLU C 85 -31.94 11.22 -1.63
C GLU C 85 -30.97 11.13 -0.50
N VAL C 86 -31.19 10.23 0.44
CA VAL C 86 -30.22 9.98 1.54
C VAL C 86 -29.21 8.95 1.02
N HIS C 87 -27.95 9.34 0.94
CA HIS C 87 -26.87 8.45 0.48
C HIS C 87 -26.17 7.82 1.64
N ILE C 88 -25.56 6.66 1.43
CA ILE C 88 -24.62 6.11 2.40
C ILE C 88 -23.14 6.39 2.04
N GLY C 89 -22.34 6.80 3.02
CA GLY C 89 -20.89 6.89 2.86
C GLY C 89 -20.20 8.02 3.65
N TRP C 90 -18.91 8.20 3.33
CA TRP C 90 -18.02 9.21 3.94
C TRP C 90 -18.12 10.59 3.32
N LEU C 91 -18.45 10.68 2.04
CA LEU C 91 -18.41 11.95 1.35
C LEU C 91 -19.49 12.07 0.33
N LEU C 92 -20.07 13.26 0.23
CA LEU C 92 -21.11 13.49 -0.74
C LEU C 92 -20.95 14.82 -1.41
N LEU C 93 -20.95 14.83 -2.73
CA LEU C 93 -20.82 16.07 -3.49
C LEU C 93 -22.22 16.71 -3.62
N GLN C 94 -22.41 17.87 -2.95
CA GLN C 94 -23.70 18.56 -2.85
C GLN C 94 -23.62 19.78 -3.76
N ALA C 95 -24.75 20.26 -4.28
CA ALA C 95 -24.78 21.41 -5.22
C ALA C 95 -26.20 21.96 -5.28
N PRO C 96 -26.41 23.28 -5.54
CA PRO C 96 -27.84 23.69 -5.55
C PRO C 96 -28.66 22.96 -6.65
N ARG C 97 -27.99 22.57 -7.76
CA ARG C 97 -28.49 21.64 -8.83
C ARG C 97 -27.31 21.18 -9.74
N TRP C 98 -27.60 20.53 -10.89
CA TRP C 98 -26.56 19.88 -11.76
C TRP C 98 -26.59 20.25 -13.27
N GLU C 99 -27.54 21.09 -13.64
CA GLU C 99 -27.56 21.65 -14.98
C GLU C 99 -27.32 23.15 -14.83
N PHE C 100 -26.54 23.75 -15.72
CA PHE C 100 -26.24 25.17 -15.59
C PHE C 100 -26.23 25.82 -16.94
N LYS C 101 -26.65 27.09 -17.01
CA LYS C 101 -26.45 27.89 -18.21
C LYS C 101 -25.03 28.54 -18.20
N GLU C 102 -24.46 28.78 -19.39
CA GLU C 102 -23.20 29.52 -19.47
C GLU C 102 -23.41 30.79 -18.68
N GLY C 103 -22.46 31.12 -17.81
CA GLY C 103 -22.53 32.33 -17.03
C GLY C 103 -23.07 32.13 -15.63
N ASP C 104 -23.76 31.03 -15.34
CA ASP C 104 -24.28 30.83 -13.98
C ASP C 104 -23.16 30.57 -12.97
N PRO C 105 -23.42 30.84 -11.69
CA PRO C 105 -22.50 30.40 -10.64
C PRO C 105 -22.74 28.98 -10.21
N ILE C 106 -21.66 28.26 -9.95
CA ILE C 106 -21.67 26.88 -9.47
C ILE C 106 -21.04 26.78 -8.07
N HIS C 107 -21.74 26.22 -7.11
CA HIS C 107 -21.28 26.15 -5.74
C HIS C 107 -21.31 24.69 -5.35
N LEU C 108 -20.15 24.03 -5.30
CA LEU C 108 -20.08 22.63 -4.87
C LEU C 108 -19.64 22.54 -3.43
N ARG C 109 -20.17 21.55 -2.71
CA ARG C 109 -19.81 21.30 -1.32
C ARG C 109 -19.33 19.84 -1.20
N CYS C 110 -18.19 19.62 -0.53
CA CYS C 110 -17.70 18.31 -0.27
C CYS C 110 -18.05 17.95 1.13
N HIS C 111 -19.29 17.55 1.32
CA HIS C 111 -19.86 17.19 2.61
C HIS C 111 -19.39 15.84 3.09
N SER C 112 -18.97 15.80 4.36
CA SER C 112 -18.51 14.61 5.03
C SER C 112 -19.52 14.18 6.07
N TRP C 113 -19.69 12.87 6.15
CA TRP C 113 -20.45 12.19 7.20
C TRP C 113 -20.13 12.75 8.57
N LYS C 114 -21.18 13.17 9.28
CA LYS C 114 -21.17 13.83 10.63
C LYS C 114 -20.29 15.06 10.75
N ASN C 115 -20.10 15.72 9.61
CA ASN C 115 -19.21 16.85 9.50
C ASN C 115 -17.76 16.54 9.89
N THR C 116 -17.36 15.25 9.90
CA THR C 116 -16.02 14.84 10.36
C THR C 116 -14.99 15.64 9.58
N ALA C 117 -13.99 16.09 10.30
CA ALA C 117 -13.07 17.03 9.75
C ALA C 117 -12.32 16.39 8.59
N LEU C 118 -12.34 17.06 7.45
CA LEU C 118 -11.68 16.53 6.31
C LEU C 118 -10.59 17.47 5.84
N HIS C 119 -9.41 16.92 5.55
CA HIS C 119 -8.30 17.70 5.01
C HIS C 119 -7.69 17.12 3.74
N LYS C 120 -6.81 17.85 3.09
CA LYS C 120 -6.14 17.44 1.83
C LYS C 120 -7.17 17.08 0.79
N VAL C 121 -8.06 18.04 0.60
CA VAL C 121 -9.27 17.85 -0.13
C VAL C 121 -8.99 18.27 -1.53
N THR C 122 -9.42 17.42 -2.48
CA THR C 122 -9.33 17.69 -3.90
C THR C 122 -10.71 17.51 -4.60
N TYR C 123 -11.07 18.43 -5.47
CA TYR C 123 -12.26 18.34 -6.29
C TYR C 123 -11.82 17.92 -7.67
N LEU C 124 -12.27 16.74 -8.07
CA LEU C 124 -11.93 16.13 -9.36
C LEU C 124 -12.92 16.53 -10.46
N GLN C 125 -12.46 16.72 -11.68
CA GLN C 125 -13.34 16.77 -12.84
C GLN C 125 -12.80 15.86 -13.92
N ASN C 126 -13.57 14.82 -14.27
CA ASN C 126 -13.23 13.90 -15.33
C ASN C 126 -11.98 13.12 -14.96
N GLY C 127 -11.93 12.71 -13.70
CA GLY C 127 -10.75 12.04 -13.18
C GLY C 127 -9.49 12.87 -13.05
N LYS C 128 -9.58 14.19 -13.13
CA LYS C 128 -8.41 15.03 -12.96
C LYS C 128 -8.65 16.03 -11.86
N GLY C 129 -7.90 15.93 -10.76
CA GLY C 129 -7.88 16.96 -9.70
C GLY C 129 -7.92 18.34 -10.31
N ARG C 130 -8.86 19.15 -9.86
CA ARG C 130 -9.05 20.46 -10.43
C ARG C 130 -8.66 21.56 -9.44
N LYS C 131 -9.13 21.43 -8.20
CA LYS C 131 -8.85 22.38 -7.14
C LYS C 131 -8.51 21.70 -5.78
N TYR C 132 -7.45 22.18 -5.13
CA TYR C 132 -7.00 21.63 -3.85
C TYR C 132 -7.16 22.64 -2.67
N PHE C 133 -7.52 22.13 -1.50
CA PHE C 133 -7.58 22.87 -0.24
C PHE C 133 -6.92 22.06 0.85
N HIS C 134 -6.24 22.71 1.79
CA HIS C 134 -5.59 22.01 2.89
C HIS C 134 -6.66 21.57 3.87
N HIS C 135 -7.54 22.50 4.23
CA HIS C 135 -8.75 22.21 5.04
C HIS C 135 -9.97 22.20 4.15
N ASN C 136 -11.05 21.57 4.61
CA ASN C 136 -12.26 21.46 3.76
C ASN C 136 -12.85 22.85 3.46
N SER C 137 -13.29 23.05 2.23
CA SER C 137 -13.85 24.30 1.70
C SER C 137 -14.78 23.98 0.51
N ASP C 138 -15.76 24.83 0.29
CA ASP C 138 -16.69 24.68 -0.79
C ASP C 138 -15.90 25.19 -2.01
N PHE C 139 -16.27 24.83 -3.21
CA PHE C 139 -15.54 25.20 -4.43
C PHE C 139 -16.46 25.99 -5.37
N TYR C 140 -16.04 27.19 -5.82
CA TYR C 140 -16.92 28.12 -6.55
C TYR C 140 -16.43 28.36 -7.98
N ILE C 141 -17.30 28.21 -8.98
CA ILE C 141 -16.99 28.66 -10.34
C ILE C 141 -18.01 29.75 -10.67
N PRO C 142 -17.66 31.05 -10.45
CA PRO C 142 -18.77 32.03 -10.54
C PRO C 142 -19.35 32.23 -11.94
N LYS C 143 -18.51 32.07 -12.97
CA LYS C 143 -18.94 32.16 -14.38
C LYS C 143 -18.80 30.76 -15.05
N ALA C 144 -19.91 29.99 -15.14
CA ALA C 144 -19.86 28.63 -15.71
C ALA C 144 -19.61 28.71 -17.18
N THR C 145 -19.01 27.70 -17.76
CA THR C 145 -18.76 27.67 -19.21
C THR C 145 -18.75 26.22 -19.77
N LEU C 146 -18.76 26.12 -21.11
CA LEU C 146 -18.76 24.84 -21.85
C LEU C 146 -17.79 23.81 -21.26
N LYS C 147 -16.59 24.28 -20.90
CA LYS C 147 -15.49 23.45 -20.31
C LYS C 147 -15.79 22.91 -18.90
N ASP C 148 -16.62 23.61 -18.13
CA ASP C 148 -17.07 23.12 -16.81
C ASP C 148 -17.98 21.85 -16.89
N SER C 149 -18.35 21.41 -18.09
CA SER C 149 -19.07 20.17 -18.26
C SER C 149 -18.19 18.94 -18.01
N GLY C 150 -18.76 17.95 -17.29
CA GLY C 150 -18.05 16.71 -16.97
C GLY C 150 -18.53 15.93 -15.76
N SER C 151 -17.69 14.96 -15.34
CA SER C 151 -17.95 14.11 -14.15
C SER C 151 -17.14 14.72 -13.04
N TYR C 152 -17.65 14.67 -11.82
CA TYR C 152 -17.11 15.45 -10.70
C TYR C 152 -17.23 14.61 -9.45
N SER C 153 -16.19 14.67 -8.61
CA SER C 153 -16.08 13.95 -7.34
C SER C 153 -15.22 14.80 -6.48
N CYS C 154 -15.20 14.52 -5.20
CA CYS C 154 -14.23 15.10 -4.29
C CYS C 154 -13.70 14.00 -3.36
N ARG C 155 -12.51 14.25 -2.84
CA ARG C 155 -11.87 13.36 -1.87
C ARG C 155 -10.90 14.10 -0.98
N GLY C 156 -10.59 13.46 0.14
CA GLY C 156 -9.55 13.87 1.03
C GLY C 156 -9.26 12.81 2.08
N LEU C 157 -8.77 13.25 3.22
CA LEU C 157 -8.41 12.39 4.32
C LEU C 157 -9.23 12.70 5.55
N VAL C 158 -9.67 11.67 6.24
CA VAL C 158 -10.39 11.83 7.47
C VAL C 158 -9.44 11.25 8.53
N GLY C 159 -8.70 12.12 9.22
CA GLY C 159 -7.56 11.67 9.98
C GLY C 159 -6.53 11.05 9.02
N SER C 160 -6.24 9.77 9.18
CA SER C 160 -5.29 9.09 8.33
C SER C 160 -5.92 8.28 7.20
N LYS C 161 -7.25 8.14 7.20
CA LYS C 161 -7.97 7.33 6.16
C LYS C 161 -8.42 8.11 4.92
N ASN C 162 -8.22 7.46 3.78
CA ASN C 162 -8.49 8.03 2.47
C ASN C 162 -9.91 7.80 2.01
N VAL C 163 -10.64 8.85 1.61
CA VAL C 163 -12.08 8.71 1.31
C VAL C 163 -12.45 9.44 0.05
N SER C 164 -13.56 9.01 -0.58
CA SER C 164 -14.14 9.80 -1.71
C SER C 164 -15.65 9.76 -1.91
N SER C 165 -16.12 10.78 -2.61
CA SER C 165 -17.51 10.90 -2.95
C SER C 165 -17.82 10.06 -4.18
N GLU C 166 -19.09 9.71 -4.32
CA GLU C 166 -19.54 9.16 -5.58
C GLU C 166 -19.31 10.26 -6.62
N THR C 167 -19.11 9.87 -7.87
CA THR C 167 -19.02 10.89 -8.92
C THR C 167 -20.45 11.28 -9.40
N VAL C 168 -20.58 12.50 -9.91
CA VAL C 168 -21.84 13.10 -10.40
C VAL C 168 -21.63 13.90 -11.71
N ASN C 169 -22.60 13.83 -12.63
CA ASN C 169 -22.41 14.52 -13.91
C ASN C 169 -22.97 15.93 -13.79
N ILE C 170 -22.27 16.88 -14.40
CA ILE C 170 -22.75 18.24 -14.52
C ILE C 170 -22.83 18.56 -16.00
N THR C 171 -23.97 19.14 -16.37
CA THR C 171 -24.21 19.59 -17.75
C THR C 171 -24.32 21.14 -17.86
N ILE C 172 -23.95 21.68 -19.04
CA ILE C 172 -23.92 23.12 -19.31
C ILE C 172 -24.70 23.44 -20.59
N THR C 173 -25.80 24.18 -20.46
CA THR C 173 -26.70 24.46 -21.59
C THR C 173 -26.60 25.88 -22.16
N GLN C 174 -27.49 26.22 -23.11
CA GLN C 174 -27.41 27.48 -23.89
C GLN C 174 -28.54 28.43 -23.52
#